data_3LP7
#
_entry.id   3LP7
#
_cell.length_a   90.680
_cell.length_b   90.680
_cell.length_c   69.820
_cell.angle_alpha   90.00
_cell.angle_beta   90.00
_cell.angle_gamma   120.00
#
_symmetry.space_group_name_H-M   'P 3'
#
loop_
_entity.id
_entity.type
_entity.pdbx_description
1 polymer Arginase-1
2 non-polymer 'MANGANESE (II) ION'
3 non-polymer N-OMEGA-HYDROXY-L-ARGININE
4 water water
#
_entity_poly.entity_id   1
_entity_poly.type   'polypeptide(L)'
_entity_poly.pdbx_seq_one_letter_code
;MSAKSRTIGIIGAPFSKGQPRGGVEEGPTVLRKAGLLEKLKEQECDVKDYGDLPFADIPNDSPFQIVKNPRSVGKASEQL
AGKVAEVKKNGRISLVLGGDHSLAIGSISGHARVHPDLGVIWVDAHTDINTPLTTTSGNLHGQPVSFLLKELKGKIPDVP
GFSWVTPCISAKDIVYIGLRDVDPGEHYILKTLGIKYFSMTEVDRLGIGKVMEETLSYLLGRKKRPIHLSFDVDGLDPSF
TPATGTPVVGGLTYREGLYITEEIYKTGLLSGLDIMEVNPSLGKTPEEVTRTVNTAVAITLACFGLAREGNHKPIDYLNP
PK
;
_entity_poly.pdbx_strand_id   A,B
#
# COMPACT_ATOMS: atom_id res chain seq x y z
N ARG A 6 34.34 -6.36 21.03
CA ARG A 6 33.72 -5.13 21.60
C ARG A 6 32.38 -5.48 22.25
N THR A 7 31.35 -4.69 21.96
CA THR A 7 30.03 -4.92 22.53
C THR A 7 28.92 -4.43 21.59
N ILE A 8 27.72 -4.97 21.76
CA ILE A 8 26.59 -4.62 20.92
C ILE A 8 25.43 -3.92 21.65
N GLY A 9 24.70 -3.10 20.89
CA GLY A 9 23.56 -2.37 21.43
C GLY A 9 22.35 -2.55 20.51
N ILE A 10 21.44 -3.44 20.91
CA ILE A 10 20.25 -3.73 20.12
C ILE A 10 19.12 -2.75 20.38
N ILE A 11 18.49 -2.29 19.30
CA ILE A 11 17.37 -1.36 19.39
C ILE A 11 16.34 -1.67 18.32
N GLY A 12 15.14 -2.03 18.74
CA GLY A 12 14.08 -2.35 17.81
C GLY A 12 13.36 -1.11 17.28
N ALA A 13 13.08 -1.10 15.98
CA ALA A 13 12.39 0.03 15.36
C ALA A 13 11.18 -0.43 14.55
N PRO A 14 10.07 -0.78 15.24
CA PRO A 14 8.85 -1.22 14.58
C PRO A 14 8.14 -0.04 13.92
N PHE A 15 8.61 0.35 12.75
CA PHE A 15 8.04 1.48 12.03
C PHE A 15 7.80 1.12 10.56
N SER A 16 6.66 1.54 10.01
CA SER A 16 6.33 1.22 8.62
C SER A 16 5.92 2.40 7.72
N LYS A 17 5.62 3.56 8.32
CA LYS A 17 5.16 4.71 7.55
C LYS A 17 6.04 5.30 6.47
N GLY A 18 7.17 4.68 6.21
CA GLY A 18 8.04 5.16 5.14
C GLY A 18 7.58 4.52 3.83
N GLN A 19 6.62 3.61 3.95
CA GLN A 19 6.06 2.92 2.79
C GLN A 19 4.61 2.43 3.04
N PRO A 20 3.92 1.94 2.00
CA PRO A 20 2.54 1.46 2.12
C PRO A 20 2.20 0.21 2.97
N ARG A 21 2.82 -0.93 2.69
CA ARG A 21 2.54 -2.17 3.43
C ARG A 21 2.90 -2.12 4.93
N GLY A 22 1.95 -2.47 5.77
CA GLY A 22 2.17 -2.43 7.21
C GLY A 22 2.98 -3.51 7.91
N GLY A 23 2.88 -4.75 7.47
CA GLY A 23 3.60 -5.83 8.12
C GLY A 23 5.04 -5.63 8.54
N VAL A 24 5.74 -4.70 7.89
CA VAL A 24 7.14 -4.44 8.20
C VAL A 24 7.45 -4.04 9.64
N GLU A 25 6.46 -3.50 10.37
CA GLU A 25 6.72 -3.12 11.75
C GLU A 25 6.91 -4.33 12.66
N GLU A 26 6.63 -5.52 12.14
CA GLU A 26 6.78 -6.75 12.90
C GLU A 26 8.22 -7.25 12.85
N GLY A 27 9.05 -6.60 12.04
CA GLY A 27 10.44 -6.99 11.91
C GLY A 27 11.14 -7.31 13.22
N PRO A 28 11.28 -6.33 14.14
CA PRO A 28 11.94 -6.58 15.42
C PRO A 28 11.43 -7.84 16.13
N THR A 29 10.12 -8.04 16.05
CA THR A 29 9.46 -9.19 16.70
C THR A 29 9.89 -10.56 16.17
N VAL A 30 9.77 -10.75 14.85
CA VAL A 30 10.16 -12.02 14.27
C VAL A 30 11.66 -12.28 14.35
N LEU A 31 12.47 -11.23 14.28
CA LEU A 31 13.92 -11.39 14.37
C LEU A 31 14.32 -11.81 15.79
N ARG A 32 13.72 -11.17 16.79
CA ARG A 32 14.02 -11.49 18.19
C ARG A 32 13.49 -12.89 18.49
N LYS A 33 12.38 -13.26 17.85
CA LYS A 33 11.77 -14.56 18.02
C LYS A 33 12.65 -15.65 17.42
N ALA A 34 13.43 -15.28 16.42
CA ALA A 34 14.33 -16.21 15.76
C ALA A 34 15.50 -16.51 16.69
N GLY A 35 15.46 -15.92 17.89
CA GLY A 35 16.50 -16.13 18.87
C GLY A 35 17.78 -15.37 18.61
N LEU A 36 17.64 -14.17 18.03
CA LEU A 36 18.81 -13.34 17.72
C LEU A 36 19.70 -12.97 18.90
N LEU A 37 19.09 -12.54 20.01
CA LEU A 37 19.85 -12.13 21.19
C LEU A 37 20.60 -13.29 21.82
N GLU A 38 20.01 -14.48 21.77
CA GLU A 38 20.64 -15.65 22.35
C GLU A 38 21.80 -16.10 21.45
N LYS A 39 21.53 -16.21 20.15
CA LYS A 39 22.55 -16.63 19.18
C LYS A 39 23.79 -15.75 19.27
N LEU A 40 23.56 -14.45 19.50
CA LEU A 40 24.66 -13.50 19.62
C LEU A 40 25.46 -13.79 20.88
N LYS A 41 24.78 -13.86 22.02
CA LYS A 41 25.45 -14.16 23.27
C LYS A 41 26.21 -15.47 23.14
N GLU A 42 25.67 -16.37 22.33
CA GLU A 42 26.28 -17.67 22.11
C GLU A 42 27.68 -17.53 21.52
N GLN A 43 27.95 -16.35 20.97
CA GLN A 43 29.25 -16.03 20.39
C GLN A 43 29.96 -15.19 21.44
N GLU A 44 31.16 -14.73 21.12
CA GLU A 44 31.89 -13.90 22.08
C GLU A 44 31.29 -12.49 22.12
N CYS A 45 29.95 -12.41 22.16
CA CYS A 45 29.27 -11.12 22.15
C CYS A 45 28.67 -10.61 23.47
N ASP A 46 28.88 -9.31 23.72
CA ASP A 46 28.36 -8.64 24.90
C ASP A 46 27.16 -7.84 24.39
N VAL A 47 25.97 -8.37 24.62
CA VAL A 47 24.74 -7.75 24.12
C VAL A 47 23.87 -7.01 25.14
N LYS A 48 23.44 -5.82 24.76
CA LYS A 48 22.55 -4.99 25.59
C LYS A 48 21.39 -4.52 24.74
N ASP A 49 20.18 -4.91 25.14
CA ASP A 49 18.99 -4.55 24.39
C ASP A 49 18.31 -3.31 24.96
N TYR A 50 18.26 -2.25 24.16
CA TYR A 50 17.64 -1.01 24.58
C TYR A 50 16.16 -1.03 24.28
N GLY A 51 15.66 -2.21 23.91
CA GLY A 51 14.25 -2.40 23.61
C GLY A 51 13.73 -1.85 22.30
N ASP A 52 12.44 -2.04 22.09
CA ASP A 52 11.78 -1.55 20.88
C ASP A 52 11.33 -0.13 21.17
N LEU A 53 11.67 0.81 20.29
CA LEU A 53 11.29 2.19 20.50
C LEU A 53 9.77 2.38 20.38
N PRO A 54 9.19 3.21 21.26
CA PRO A 54 7.76 3.50 21.26
C PRO A 54 7.50 4.64 20.29
N PHE A 55 7.02 4.31 19.11
CA PHE A 55 6.75 5.32 18.10
C PHE A 55 5.36 5.97 18.23
N ALA A 56 5.36 7.18 18.77
CA ALA A 56 4.15 7.96 18.97
C ALA A 56 3.30 8.02 17.72
N ASP A 57 1.99 7.92 17.90
CA ASP A 57 1.04 7.96 16.80
C ASP A 57 0.78 9.41 16.40
N ILE A 58 0.94 9.70 15.10
CA ILE A 58 0.69 11.03 14.56
C ILE A 58 -0.52 10.93 13.63
N PRO A 59 -1.74 11.10 14.18
CA PRO A 59 -2.98 11.03 13.41
C PRO A 59 -3.09 12.09 12.31
N ASN A 60 -2.66 13.30 12.64
CA ASN A 60 -2.69 14.41 11.68
C ASN A 60 -1.39 14.48 10.90
N ASP A 61 -1.36 13.82 9.74
CA ASP A 61 -0.16 13.81 8.92
C ASP A 61 -0.47 13.69 7.42
N SER A 62 -1.06 14.75 6.87
CA SER A 62 -1.39 14.77 5.44
C SER A 62 -0.11 14.94 4.64
N PRO A 63 -0.11 14.53 3.36
CA PRO A 63 1.07 14.64 2.50
C PRO A 63 1.62 16.06 2.33
N PHE A 64 2.90 16.13 2.00
CA PHE A 64 3.59 17.36 1.69
C PHE A 64 3.79 17.17 0.20
N GLN A 65 2.96 17.83 -0.59
CA GLN A 65 3.03 17.67 -2.04
C GLN A 65 2.74 16.20 -2.35
N ILE A 66 3.77 15.45 -2.72
CA ILE A 66 3.63 14.03 -3.05
C ILE A 66 4.04 13.13 -1.88
N VAL A 67 4.96 13.63 -1.05
CA VAL A 67 5.50 12.89 0.10
C VAL A 67 4.46 12.48 1.15
N LYS A 68 4.39 11.19 1.45
CA LYS A 68 3.42 10.65 2.42
C LYS A 68 3.95 10.42 3.84
N ASN A 69 3.10 10.72 4.82
CA ASN A 69 3.42 10.56 6.25
C ASN A 69 4.77 11.19 6.66
N PRO A 70 5.05 12.42 6.18
CA PRO A 70 6.31 13.09 6.51
C PRO A 70 6.59 13.33 7.98
N ARG A 71 5.56 13.66 8.75
CA ARG A 71 5.72 13.93 10.17
C ARG A 71 6.01 12.68 10.98
N SER A 72 5.35 11.58 10.62
CA SER A 72 5.54 10.32 11.31
C SER A 72 6.95 9.79 11.05
N VAL A 73 7.39 9.89 9.80
CA VAL A 73 8.72 9.43 9.42
C VAL A 73 9.79 10.32 10.05
N GLY A 74 9.58 11.62 9.98
CA GLY A 74 10.55 12.56 10.54
C GLY A 74 10.70 12.39 12.04
N LYS A 75 9.59 12.08 12.71
CA LYS A 75 9.58 11.90 14.16
C LYS A 75 10.26 10.59 14.56
N ALA A 76 9.90 9.50 13.88
CA ALA A 76 10.49 8.20 14.18
C ALA A 76 11.99 8.21 13.94
N SER A 77 12.44 8.85 12.86
CA SER A 77 13.86 8.91 12.56
C SER A 77 14.55 9.80 13.58
N GLU A 78 13.84 10.84 14.02
CA GLU A 78 14.40 11.75 15.01
C GLU A 78 14.63 11.01 16.33
N GLN A 79 13.66 10.23 16.75
CA GLN A 79 13.77 9.47 17.99
C GLN A 79 14.90 8.45 17.88
N LEU A 80 14.91 7.70 16.79
CA LEU A 80 15.95 6.71 16.59
C LEU A 80 17.34 7.32 16.68
N ALA A 81 17.52 8.48 16.04
CA ALA A 81 18.81 9.17 16.06
C ALA A 81 19.32 9.32 17.49
N GLY A 82 18.44 9.83 18.36
CA GLY A 82 18.82 10.00 19.75
C GLY A 82 19.20 8.68 20.42
N LYS A 83 18.42 7.64 20.14
CA LYS A 83 18.65 6.32 20.72
C LYS A 83 20.00 5.73 20.27
N VAL A 84 20.33 5.90 18.99
CA VAL A 84 21.60 5.40 18.46
C VAL A 84 22.80 6.15 19.05
N ALA A 85 22.70 7.48 19.10
CA ALA A 85 23.78 8.29 19.65
C ALA A 85 24.09 7.86 21.07
N GLU A 86 23.06 7.47 21.81
CA GLU A 86 23.27 7.04 23.19
C GLU A 86 24.01 5.73 23.29
N VAL A 87 23.54 4.71 22.58
CA VAL A 87 24.22 3.42 22.62
C VAL A 87 25.69 3.59 22.17
N LYS A 88 25.93 4.49 21.21
CA LYS A 88 27.29 4.74 20.75
C LYS A 88 28.11 5.43 21.83
N LYS A 89 27.46 6.28 22.60
CA LYS A 89 28.13 6.98 23.71
C LYS A 89 28.38 6.01 24.84
N ASN A 90 27.89 4.78 24.67
CA ASN A 90 28.07 3.73 25.67
C ASN A 90 29.11 2.76 25.15
N GLY A 91 29.74 3.13 24.04
CA GLY A 91 30.77 2.31 23.43
C GLY A 91 30.30 1.00 22.85
N ARG A 92 29.11 1.00 22.24
CA ARG A 92 28.57 -0.21 21.66
C ARG A 92 28.19 -0.06 20.20
N ILE A 93 28.26 -1.18 19.49
CA ILE A 93 27.88 -1.24 18.07
C ILE A 93 26.36 -1.25 18.03
N SER A 94 25.75 -0.20 17.50
CA SER A 94 24.31 -0.14 17.41
C SER A 94 23.78 -1.06 16.32
N LEU A 95 22.75 -1.84 16.67
CA LEU A 95 22.12 -2.77 15.73
C LEU A 95 20.64 -2.38 15.68
N VAL A 96 20.23 -1.73 14.60
CA VAL A 96 18.84 -1.31 14.46
C VAL A 96 18.02 -2.32 13.70
N LEU A 97 17.02 -2.88 14.37
CA LEU A 97 16.14 -3.85 13.74
C LEU A 97 14.92 -3.10 13.23
N GLY A 98 14.74 -3.06 11.92
CA GLY A 98 13.61 -2.36 11.33
C GLY A 98 12.42 -3.28 11.06
N GLY A 99 11.34 -2.75 10.51
CA GLY A 99 11.26 -1.35 10.16
C GLY A 99 11.62 -1.08 8.71
N ASP A 100 11.00 -0.07 8.12
CA ASP A 100 11.29 0.27 6.73
C ASP A 100 12.58 1.08 6.68
N HIS A 101 13.18 1.17 5.50
CA HIS A 101 14.45 1.87 5.32
C HIS A 101 14.47 3.39 5.52
N SER A 102 13.31 4.02 5.73
CA SER A 102 13.30 5.47 5.94
C SER A 102 14.03 5.77 7.25
N LEU A 103 14.08 4.79 8.14
CA LEU A 103 14.72 4.91 9.45
C LEU A 103 16.24 5.16 9.38
N ALA A 104 16.85 4.84 8.24
CA ALA A 104 18.29 5.05 8.08
C ALA A 104 18.64 6.52 8.27
N ILE A 105 17.68 7.40 8.04
CA ILE A 105 17.92 8.82 8.22
C ILE A 105 18.27 9.06 9.69
N GLY A 106 17.53 8.42 10.57
CA GLY A 106 17.79 8.59 12.00
C GLY A 106 19.00 7.80 12.46
N SER A 107 19.17 6.60 11.94
CA SER A 107 20.27 5.75 12.34
C SER A 107 21.64 6.33 11.96
N ILE A 108 21.80 6.73 10.70
CA ILE A 108 23.09 7.30 10.28
C ILE A 108 23.27 8.67 10.94
N SER A 109 22.18 9.41 11.13
CA SER A 109 22.25 10.73 11.76
C SER A 109 22.73 10.59 13.19
N GLY A 110 22.09 9.70 13.96
CA GLY A 110 22.47 9.48 15.33
C GLY A 110 23.91 9.01 15.45
N HIS A 111 24.28 8.09 14.56
CA HIS A 111 25.62 7.52 14.52
C HIS A 111 26.70 8.56 14.23
N ALA A 112 26.41 9.48 13.29
CA ALA A 112 27.35 10.53 12.92
C ALA A 112 27.54 11.59 14.00
N ARG A 113 26.65 11.60 14.99
CA ARG A 113 26.76 12.57 16.08
C ARG A 113 27.97 12.19 16.94
N VAL A 114 28.19 10.90 17.11
CA VAL A 114 29.31 10.43 17.91
C VAL A 114 30.55 10.20 17.04
N HIS A 115 30.34 9.82 15.77
CA HIS A 115 31.45 9.55 14.87
C HIS A 115 31.24 10.19 13.51
N PRO A 116 31.50 11.50 13.40
CA PRO A 116 31.33 12.25 12.16
C PRO A 116 32.14 11.79 10.95
N ASP A 117 33.18 10.99 11.17
CA ASP A 117 34.02 10.51 10.07
C ASP A 117 33.62 9.12 9.60
N LEU A 118 32.38 8.73 9.86
CA LEU A 118 31.89 7.40 9.47
C LEU A 118 31.80 7.15 7.96
N GLY A 119 31.89 5.89 7.58
CA GLY A 119 31.78 5.50 6.20
C GLY A 119 30.57 4.60 6.09
N VAL A 120 29.79 4.77 5.03
CA VAL A 120 28.60 3.96 4.88
C VAL A 120 28.60 2.98 3.71
N ILE A 121 28.24 1.74 4.01
CA ILE A 121 28.13 0.71 2.98
C ILE A 121 26.62 0.42 2.95
N TRP A 122 26.02 0.61 1.79
CA TRP A 122 24.59 0.45 1.61
C TRP A 122 24.22 -0.72 0.70
N VAL A 123 23.90 -1.86 1.30
CA VAL A 123 23.52 -3.06 0.55
C VAL A 123 22.02 -2.96 0.27
N ASP A 124 21.68 -2.87 -1.01
CA ASP A 124 20.28 -2.70 -1.39
C ASP A 124 20.09 -2.94 -2.88
N ALA A 125 18.85 -3.22 -3.27
CA ALA A 125 18.54 -3.40 -4.69
C ALA A 125 18.25 -1.99 -5.22
N HIS A 126 18.06 -1.06 -4.28
CA HIS A 126 17.76 0.34 -4.59
C HIS A 126 18.77 1.30 -3.96
N THR A 127 18.81 2.53 -4.48
CA THR A 127 19.73 3.54 -3.98
C THR A 127 19.05 4.42 -2.93
N ASP A 128 17.72 4.39 -2.90
CA ASP A 128 16.94 5.19 -1.95
C ASP A 128 17.50 6.60 -1.84
N ILE A 129 17.77 7.21 -2.99
CA ILE A 129 18.35 8.54 -3.03
C ILE A 129 17.44 9.55 -3.74
N ASN A 130 16.14 9.25 -3.80
CA ASN A 130 15.20 10.18 -4.43
C ASN A 130 15.02 11.37 -3.49
N THR A 131 14.71 12.54 -4.05
CA THR A 131 14.48 13.74 -3.24
C THR A 131 12.96 13.93 -3.23
N PRO A 132 12.44 14.77 -2.32
CA PRO A 132 10.99 14.98 -2.27
C PRO A 132 10.48 15.42 -3.64
N LEU A 133 11.34 16.05 -4.43
CA LEU A 133 10.95 16.53 -5.74
C LEU A 133 11.22 15.56 -6.89
N THR A 134 12.09 14.58 -6.66
CA THR A 134 12.37 13.59 -7.70
C THR A 134 11.56 12.31 -7.47
N THR A 135 11.20 12.03 -6.23
CA THR A 135 10.44 10.82 -5.97
C THR A 135 9.16 10.80 -6.80
N THR A 136 8.71 9.61 -7.18
CA THR A 136 7.47 9.50 -7.94
C THR A 136 6.43 8.72 -7.12
N SER A 137 6.93 7.93 -6.17
CA SER A 137 6.07 7.12 -5.30
C SER A 137 5.61 7.93 -4.08
N GLY A 138 6.45 8.85 -3.63
CA GLY A 138 6.11 9.65 -2.47
C GLY A 138 6.40 8.90 -1.19
N ASN A 139 6.88 7.66 -1.32
CA ASN A 139 7.21 6.83 -0.17
C ASN A 139 8.59 7.22 0.33
N LEU A 140 8.68 7.58 1.61
CA LEU A 140 9.95 8.00 2.19
C LEU A 140 11.05 6.93 2.36
N HIS A 141 10.73 5.64 2.26
CA HIS A 141 11.80 4.66 2.40
C HIS A 141 12.69 4.61 1.15
N GLY A 142 12.37 5.47 0.19
CA GLY A 142 13.15 5.54 -1.04
C GLY A 142 13.84 6.90 -1.19
N GLN A 143 13.96 7.62 -0.09
CA GLN A 143 14.58 8.94 -0.07
C GLN A 143 15.57 9.19 1.07
N PRO A 144 15.71 8.24 2.02
CA PRO A 144 16.65 8.50 3.13
C PRO A 144 18.01 9.09 2.77
N VAL A 145 18.69 8.53 1.78
CA VAL A 145 20.01 9.00 1.41
C VAL A 145 20.07 10.46 0.97
N SER A 146 18.99 10.96 0.37
CA SER A 146 18.99 12.35 -0.10
C SER A 146 19.02 13.33 1.07
N PHE A 147 18.44 12.95 2.20
CA PHE A 147 18.43 13.80 3.40
C PHE A 147 19.76 13.79 4.15
N LEU A 148 20.60 12.81 3.85
CA LEU A 148 21.87 12.65 4.53
C LEU A 148 23.10 13.25 3.84
N LEU A 149 23.02 13.41 2.52
CA LEU A 149 24.15 13.96 1.77
C LEU A 149 24.26 15.47 1.84
N LYS A 150 25.48 15.97 1.96
CA LYS A 150 25.72 17.41 2.03
C LYS A 150 25.62 18.05 0.65
N GLU A 151 26.07 17.34 -0.37
CA GLU A 151 26.02 17.83 -1.75
C GLU A 151 24.58 18.10 -2.20
N LEU A 152 23.62 17.43 -1.56
CA LEU A 152 22.23 17.58 -1.91
C LEU A 152 21.49 18.63 -1.07
N LYS A 153 22.08 19.00 0.07
CA LYS A 153 21.49 20.01 0.95
C LYS A 153 21.29 21.25 0.09
N GLY A 154 20.03 21.54 -0.23
CA GLY A 154 19.72 22.69 -1.07
C GLY A 154 18.75 22.29 -2.15
N LYS A 155 18.55 20.98 -2.30
CA LYS A 155 17.62 20.45 -3.28
C LYS A 155 16.48 19.78 -2.51
N ILE A 156 16.57 19.90 -1.19
CA ILE A 156 15.57 19.34 -0.29
C ILE A 156 14.76 20.48 0.32
N PRO A 157 13.43 20.48 0.07
CA PRO A 157 12.52 21.50 0.59
C PRO A 157 12.34 21.37 2.11
N ASP A 158 11.58 22.29 2.69
CA ASP A 158 11.32 22.22 4.12
C ASP A 158 10.17 21.24 4.35
N VAL A 159 10.53 19.97 4.49
CA VAL A 159 9.55 18.90 4.72
C VAL A 159 9.16 18.72 6.19
N PRO A 160 7.86 18.85 6.50
CA PRO A 160 7.37 18.69 7.86
C PRO A 160 7.91 17.45 8.55
N GLY A 161 8.52 17.64 9.71
CA GLY A 161 9.08 16.54 10.47
C GLY A 161 10.59 16.37 10.37
N PHE A 162 11.22 17.01 9.41
CA PHE A 162 12.66 16.85 9.25
C PHE A 162 13.49 18.11 9.43
N SER A 163 13.03 19.06 10.24
CA SER A 163 13.82 20.27 10.44
C SER A 163 14.99 20.02 11.39
N TRP A 164 15.00 18.82 11.99
CA TRP A 164 16.07 18.45 12.92
C TRP A 164 17.26 17.85 12.17
N VAL A 165 17.04 17.47 10.91
CA VAL A 165 18.07 16.85 10.08
C VAL A 165 19.21 17.75 9.66
N THR A 166 20.40 17.14 9.58
CA THR A 166 21.60 17.84 9.15
C THR A 166 22.43 16.85 8.34
N PRO A 167 22.63 17.13 7.04
CA PRO A 167 23.41 16.25 6.18
C PRO A 167 24.74 15.94 6.85
N CYS A 168 24.96 14.67 7.19
CA CYS A 168 26.19 14.28 7.86
C CYS A 168 27.20 13.48 7.04
N ILE A 169 26.91 13.20 5.78
CA ILE A 169 27.86 12.44 4.98
C ILE A 169 28.07 13.03 3.58
N SER A 170 29.28 12.85 3.06
CA SER A 170 29.64 13.35 1.75
C SER A 170 29.37 12.25 0.74
N ALA A 171 29.25 12.64 -0.52
CA ALA A 171 28.99 11.68 -1.59
C ALA A 171 30.08 10.62 -1.63
N LYS A 172 31.28 10.96 -1.17
CA LYS A 172 32.39 10.01 -1.19
C LYS A 172 32.64 9.25 0.11
N ASP A 173 31.64 9.16 0.97
CA ASP A 173 31.76 8.42 2.22
C ASP A 173 30.74 7.30 2.21
N ILE A 174 30.25 6.98 1.02
CA ILE A 174 29.28 5.91 0.87
C ILE A 174 29.52 5.05 -0.37
N VAL A 175 29.21 3.77 -0.25
CA VAL A 175 29.35 2.83 -1.34
C VAL A 175 28.08 1.97 -1.37
N TYR A 176 27.48 1.83 -2.56
CA TYR A 176 26.28 1.01 -2.74
C TYR A 176 26.73 -0.35 -3.25
N ILE A 177 26.02 -1.40 -2.87
CA ILE A 177 26.32 -2.74 -3.35
C ILE A 177 24.99 -3.47 -3.55
N GLY A 178 24.78 -4.00 -4.77
CA GLY A 178 23.56 -4.76 -5.05
C GLY A 178 22.50 -4.12 -5.93
N LEU A 179 22.72 -2.87 -6.32
CA LEU A 179 21.75 -2.14 -7.15
C LEU A 179 21.30 -2.84 -8.43
N ARG A 180 19.99 -2.87 -8.63
CA ARG A 180 19.39 -3.46 -9.83
C ARG A 180 18.03 -2.82 -10.20
N ASP A 181 17.65 -1.79 -9.46
CA ASP A 181 16.41 -1.06 -9.73
C ASP A 181 16.54 0.40 -9.27
N VAL A 182 17.13 1.22 -10.14
CA VAL A 182 17.37 2.63 -9.86
C VAL A 182 16.58 3.53 -10.80
N ASP A 183 15.86 4.49 -10.24
CA ASP A 183 15.07 5.42 -11.06
C ASP A 183 15.96 6.38 -11.86
N PRO A 184 15.40 7.02 -12.90
CA PRO A 184 16.17 7.97 -13.74
C PRO A 184 16.82 9.12 -12.94
N GLY A 185 16.01 9.81 -12.15
CA GLY A 185 16.52 10.90 -11.34
C GLY A 185 17.61 10.42 -10.40
N GLU A 186 17.43 9.22 -9.85
CA GLU A 186 18.41 8.64 -8.93
C GLU A 186 19.73 8.38 -9.65
N HIS A 187 19.66 7.87 -10.88
CA HIS A 187 20.88 7.59 -11.63
C HIS A 187 21.62 8.89 -11.89
N TYR A 188 20.87 9.94 -12.21
CA TYR A 188 21.43 11.26 -12.47
C TYR A 188 22.29 11.72 -11.27
N ILE A 189 21.74 11.57 -10.07
CA ILE A 189 22.43 11.94 -8.85
C ILE A 189 23.69 11.09 -8.67
N LEU A 190 23.57 9.79 -8.96
CA LEU A 190 24.71 8.89 -8.83
C LEU A 190 25.88 9.37 -9.67
N LYS A 191 25.60 9.64 -10.94
CA LYS A 191 26.63 10.07 -11.89
C LYS A 191 27.09 11.50 -11.65
N THR A 192 26.17 12.39 -11.29
CA THR A 192 26.50 13.79 -11.06
C THR A 192 27.36 14.04 -9.81
N LEU A 193 27.06 13.34 -8.72
CA LEU A 193 27.82 13.51 -7.49
C LEU A 193 29.02 12.57 -7.45
N GLY A 194 29.10 11.64 -8.39
CA GLY A 194 30.22 10.72 -8.43
C GLY A 194 30.22 9.68 -7.32
N ILE A 195 29.04 9.16 -6.99
CA ILE A 195 28.94 8.15 -5.94
C ILE A 195 29.48 6.79 -6.37
N LYS A 196 30.25 6.16 -5.48
CA LYS A 196 30.83 4.85 -5.77
C LYS A 196 29.77 3.79 -5.52
N TYR A 197 29.49 2.98 -6.54
CA TYR A 197 28.49 1.93 -6.42
C TYR A 197 28.90 0.68 -7.17
N PHE A 198 28.37 -0.45 -6.73
CA PHE A 198 28.63 -1.72 -7.38
C PHE A 198 27.26 -2.32 -7.64
N SER A 199 26.72 -2.07 -8.82
CA SER A 199 25.42 -2.61 -9.17
C SER A 199 25.60 -4.11 -9.36
N MET A 200 24.52 -4.82 -9.68
CA MET A 200 24.65 -6.25 -9.89
C MET A 200 25.56 -6.54 -11.08
N THR A 201 25.64 -5.57 -12.00
CA THR A 201 26.49 -5.68 -13.19
C THR A 201 27.98 -5.77 -12.78
N GLU A 202 28.41 -4.88 -11.89
CA GLU A 202 29.80 -4.90 -11.44
C GLU A 202 30.08 -6.15 -10.62
N VAL A 203 29.07 -6.63 -9.89
CA VAL A 203 29.23 -7.83 -9.08
C VAL A 203 29.43 -9.01 -10.01
N ASP A 204 28.69 -9.05 -11.12
CA ASP A 204 28.83 -10.16 -12.06
C ASP A 204 30.18 -10.10 -12.76
N ARG A 205 30.61 -8.89 -13.09
CA ARG A 205 31.88 -8.66 -13.77
C ARG A 205 33.11 -8.95 -12.91
N LEU A 206 33.13 -8.43 -11.69
CA LEU A 206 34.29 -8.59 -10.82
C LEU A 206 34.28 -9.74 -9.84
N GLY A 207 33.10 -10.11 -9.36
CA GLY A 207 33.00 -11.16 -8.37
C GLY A 207 32.90 -10.42 -7.06
N ILE A 208 32.19 -11.00 -6.10
CA ILE A 208 31.99 -10.36 -4.80
C ILE A 208 33.28 -10.16 -3.99
N GLY A 209 34.32 -10.91 -4.33
CA GLY A 209 35.58 -10.77 -3.62
C GLY A 209 36.28 -9.46 -3.94
N LYS A 210 36.37 -9.15 -5.23
CA LYS A 210 37.02 -7.93 -5.67
C LYS A 210 36.17 -6.71 -5.27
N VAL A 211 34.85 -6.85 -5.36
CA VAL A 211 33.93 -5.79 -5.00
C VAL A 211 34.19 -5.34 -3.56
N MET A 212 34.28 -6.30 -2.65
CA MET A 212 34.54 -6.00 -1.25
C MET A 212 35.93 -5.42 -1.07
N GLU A 213 36.89 -5.94 -1.82
CA GLU A 213 38.26 -5.45 -1.75
C GLU A 213 38.26 -3.96 -2.09
N GLU A 214 37.60 -3.62 -3.19
CA GLU A 214 37.52 -2.24 -3.64
C GLU A 214 36.68 -1.37 -2.71
N THR A 215 35.55 -1.89 -2.24
CA THR A 215 34.70 -1.11 -1.34
C THR A 215 35.47 -0.69 -0.08
N LEU A 216 36.06 -1.66 0.62
CA LEU A 216 36.80 -1.39 1.86
C LEU A 216 38.03 -0.53 1.59
N SER A 217 38.60 -0.71 0.41
CA SER A 217 39.77 0.05 0.01
C SER A 217 39.34 1.49 -0.26
N TYR A 218 38.19 1.65 -0.90
CA TYR A 218 37.65 2.97 -1.22
C TYR A 218 37.31 3.80 0.02
N LEU A 219 36.71 3.15 1.02
CA LEU A 219 36.33 3.84 2.24
C LEU A 219 37.42 3.91 3.31
N LEU A 220 38.38 3.00 3.27
CA LEU A 220 39.44 2.99 4.28
C LEU A 220 40.83 3.28 3.75
N GLY A 221 40.92 3.62 2.47
CA GLY A 221 42.21 3.91 1.89
C GLY A 221 42.96 5.01 2.62
N ARG A 222 42.42 6.23 2.58
CA ARG A 222 43.05 7.37 3.24
C ARG A 222 43.41 7.05 4.70
N LYS A 223 42.43 6.59 5.47
CA LYS A 223 42.65 6.25 6.87
C LYS A 223 41.50 5.40 7.42
N LYS A 224 41.73 4.75 8.55
CA LYS A 224 40.69 3.93 9.17
C LYS A 224 39.64 4.83 9.83
N ARG A 225 38.37 4.44 9.71
CA ARG A 225 37.26 5.17 10.30
C ARG A 225 36.03 4.29 10.50
N PRO A 226 35.16 4.67 11.45
CA PRO A 226 33.94 3.92 11.76
C PRO A 226 33.12 3.56 10.53
N ILE A 227 32.65 2.32 10.48
CA ILE A 227 31.84 1.86 9.36
C ILE A 227 30.39 1.58 9.77
N HIS A 228 29.46 2.09 8.95
CA HIS A 228 28.04 1.91 9.16
C HIS A 228 27.50 1.07 8.01
N LEU A 229 26.87 -0.06 8.33
CA LEU A 229 26.31 -0.91 7.31
C LEU A 229 24.79 -0.91 7.35
N SER A 230 24.17 -0.38 6.31
CA SER A 230 22.71 -0.35 6.25
C SER A 230 22.34 -1.51 5.33
N PHE A 231 21.85 -2.60 5.91
CA PHE A 231 21.48 -3.77 5.14
C PHE A 231 19.98 -3.91 4.90
N ASP A 232 19.59 -3.75 3.64
CA ASP A 232 18.20 -3.90 3.23
C ASP A 232 18.14 -5.35 2.76
N VAL A 233 17.21 -6.12 3.33
CA VAL A 233 17.12 -7.53 2.94
C VAL A 233 16.74 -7.77 1.48
N ASP A 234 16.18 -6.77 0.80
CA ASP A 234 15.82 -6.96 -0.60
C ASP A 234 17.03 -6.78 -1.50
N GLY A 235 18.20 -6.62 -0.90
CA GLY A 235 19.44 -6.50 -1.66
C GLY A 235 19.75 -7.90 -2.14
N LEU A 236 19.38 -8.88 -1.32
CA LEU A 236 19.59 -10.30 -1.65
C LEU A 236 18.45 -10.73 -2.56
N ASP A 237 18.71 -11.69 -3.44
CA ASP A 237 17.70 -12.17 -4.36
C ASP A 237 16.48 -12.65 -3.58
N PRO A 238 15.27 -12.43 -4.10
CA PRO A 238 14.06 -12.86 -3.39
C PRO A 238 13.91 -14.36 -3.14
N SER A 239 14.79 -15.18 -3.73
CA SER A 239 14.73 -16.62 -3.50
C SER A 239 15.28 -16.91 -2.11
N PHE A 240 15.90 -15.89 -1.52
CA PHE A 240 16.47 -15.99 -0.18
C PHE A 240 15.68 -15.14 0.81
N THR A 241 15.19 -14.00 0.36
CA THR A 241 14.41 -13.08 1.22
C THR A 241 13.15 -12.57 0.51
N PRO A 242 12.13 -13.44 0.38
CA PRO A 242 10.87 -13.09 -0.27
C PRO A 242 9.92 -12.23 0.54
N ALA A 243 9.97 -12.36 1.87
CA ALA A 243 9.09 -11.59 2.74
C ALA A 243 9.58 -10.16 2.91
N THR A 244 9.50 -9.40 1.83
CA THR A 244 9.93 -8.01 1.83
C THR A 244 9.03 -7.22 0.86
N GLY A 245 8.88 -5.91 1.09
CA GLY A 245 8.02 -5.11 0.24
C GLY A 245 8.35 -4.93 -1.24
N THR A 246 9.58 -4.54 -1.55
CA THR A 246 9.97 -4.30 -2.93
C THR A 246 11.03 -5.27 -3.47
N PRO A 247 10.69 -6.55 -3.61
CA PRO A 247 11.63 -7.55 -4.12
C PRO A 247 11.96 -7.36 -5.60
N VAL A 248 13.22 -7.63 -5.97
CA VAL A 248 13.68 -7.52 -7.35
C VAL A 248 14.53 -8.74 -7.72
N VAL A 249 14.17 -9.43 -8.79
CA VAL A 249 14.90 -10.61 -9.22
C VAL A 249 16.33 -10.31 -9.60
N GLY A 250 17.18 -11.34 -9.55
CA GLY A 250 18.58 -11.19 -9.91
C GLY A 250 19.44 -10.56 -8.82
N GLY A 251 19.07 -10.74 -7.57
CA GLY A 251 19.84 -10.16 -6.48
C GLY A 251 21.03 -10.96 -5.98
N LEU A 252 21.69 -10.43 -4.95
CA LEU A 252 22.85 -11.07 -4.34
C LEU A 252 22.44 -12.41 -3.74
N THR A 253 23.33 -13.38 -3.82
CA THR A 253 23.03 -14.70 -3.27
C THR A 253 23.25 -14.73 -1.75
N TYR A 254 22.76 -15.79 -1.12
CA TYR A 254 22.91 -15.99 0.31
C TYR A 254 24.42 -15.90 0.59
N ARG A 255 25.22 -16.64 -0.18
CA ARG A 255 26.69 -16.65 -0.04
C ARG A 255 27.30 -15.26 -0.16
N GLU A 256 26.93 -14.51 -1.20
CA GLU A 256 27.45 -13.16 -1.38
C GLU A 256 27.04 -12.28 -0.18
N GLY A 257 25.83 -12.48 0.32
CA GLY A 257 25.39 -11.72 1.47
C GLY A 257 26.30 -12.02 2.65
N LEU A 258 26.58 -13.30 2.89
CA LEU A 258 27.48 -13.68 3.98
C LEU A 258 28.91 -13.22 3.73
N TYR A 259 29.34 -13.17 2.47
CA TYR A 259 30.71 -12.75 2.20
C TYR A 259 30.94 -11.29 2.56
N ILE A 260 29.98 -10.45 2.17
CA ILE A 260 30.04 -9.01 2.46
C ILE A 260 30.19 -8.76 3.96
N THR A 261 29.33 -9.37 4.76
CA THR A 261 29.35 -9.18 6.20
C THR A 261 30.57 -9.78 6.92
N GLU A 262 31.09 -10.89 6.40
CA GLU A 262 32.26 -11.53 7.00
C GLU A 262 33.46 -10.62 6.78
N GLU A 263 33.52 -10.01 5.61
CA GLU A 263 34.61 -9.12 5.29
C GLU A 263 34.56 -7.83 6.12
N ILE A 264 33.35 -7.37 6.41
CA ILE A 264 33.18 -6.15 7.19
C ILE A 264 33.61 -6.41 8.63
N TYR A 265 33.23 -7.56 9.15
CA TYR A 265 33.61 -7.92 10.52
C TYR A 265 35.12 -7.97 10.66
N LYS A 266 35.77 -8.62 9.71
CA LYS A 266 37.22 -8.77 9.73
C LYS A 266 37.96 -7.45 9.76
N THR A 267 37.30 -6.37 9.35
CA THR A 267 37.94 -5.04 9.38
C THR A 267 38.03 -4.61 10.84
N GLY A 268 37.06 -5.03 11.64
CA GLY A 268 37.05 -4.66 13.04
C GLY A 268 36.59 -3.23 13.19
N LEU A 269 36.06 -2.66 12.11
CA LEU A 269 35.58 -1.28 12.12
C LEU A 269 34.06 -1.16 12.08
N LEU A 270 33.33 -2.28 12.09
CA LEU A 270 31.88 -2.17 12.08
C LEU A 270 31.48 -1.32 13.29
N SER A 271 30.68 -0.30 13.06
CA SER A 271 30.26 0.61 14.12
C SER A 271 28.74 0.70 14.27
N GLY A 272 28.03 0.65 13.15
CA GLY A 272 26.58 0.70 13.17
C GLY A 272 26.01 -0.26 12.14
N LEU A 273 24.90 -0.92 12.47
CA LEU A 273 24.30 -1.86 11.54
C LEU A 273 22.77 -1.76 11.48
N ASP A 274 22.23 -1.82 10.27
CA ASP A 274 20.78 -1.76 10.06
C ASP A 274 20.36 -3.02 9.31
N ILE A 275 19.29 -3.66 9.78
CA ILE A 275 18.70 -4.83 9.12
C ILE A 275 17.28 -4.34 8.88
N MET A 276 16.99 -3.98 7.62
CA MET A 276 15.70 -3.41 7.27
C MET A 276 14.89 -4.15 6.23
N GLU A 277 13.64 -3.72 6.11
CA GLU A 277 12.66 -4.21 5.16
C GLU A 277 12.18 -5.68 5.29
N VAL A 278 12.31 -6.27 6.47
CA VAL A 278 11.82 -7.63 6.66
C VAL A 278 10.32 -7.51 6.98
N ASN A 279 9.46 -8.04 6.10
CA ASN A 279 8.01 -7.97 6.30
C ASN A 279 7.37 -9.37 6.36
N PRO A 280 7.19 -9.92 7.57
CA PRO A 280 6.60 -11.26 7.73
C PRO A 280 5.22 -11.45 7.06
N SER A 281 4.47 -10.36 6.92
CA SER A 281 3.14 -10.41 6.33
C SER A 281 3.12 -10.69 4.83
N LEU A 282 4.25 -10.46 4.17
CA LEU A 282 4.32 -10.66 2.72
C LEU A 282 4.88 -12.01 2.28
N GLY A 283 5.15 -12.88 3.24
CA GLY A 283 5.65 -14.20 2.88
C GLY A 283 4.52 -15.02 2.31
N LYS A 284 4.61 -15.40 1.05
CA LYS A 284 3.56 -16.19 0.39
C LYS A 284 3.25 -17.48 1.15
N THR A 285 4.18 -17.91 2.00
CA THR A 285 4.00 -19.12 2.79
C THR A 285 4.70 -18.96 4.13
N PRO A 286 4.40 -19.84 5.10
CA PRO A 286 5.05 -19.75 6.42
C PRO A 286 6.54 -20.02 6.28
N GLU A 287 6.89 -20.82 5.27
CA GLU A 287 8.28 -21.17 5.02
C GLU A 287 9.01 -19.97 4.40
N GLU A 288 8.26 -19.19 3.63
CA GLU A 288 8.83 -17.99 3.00
C GLU A 288 9.21 -17.00 4.08
N VAL A 289 8.42 -16.96 5.15
CA VAL A 289 8.68 -16.05 6.25
C VAL A 289 9.90 -16.50 7.05
N THR A 290 9.98 -17.79 7.38
CA THR A 290 11.12 -18.28 8.14
C THR A 290 12.40 -18.22 7.31
N ARG A 291 12.27 -18.40 5.99
CA ARG A 291 13.42 -18.36 5.10
C ARG A 291 14.01 -16.96 5.12
N THR A 292 13.15 -15.95 5.15
CA THR A 292 13.58 -14.57 5.18
C THR A 292 14.21 -14.21 6.52
N VAL A 293 13.54 -14.57 7.61
CA VAL A 293 14.05 -14.29 8.95
C VAL A 293 15.35 -15.03 9.23
N ASN A 294 15.44 -16.29 8.81
CA ASN A 294 16.65 -17.07 9.04
C ASN A 294 17.86 -16.46 8.32
N THR A 295 17.64 -16.01 7.09
CA THR A 295 18.72 -15.41 6.31
C THR A 295 19.13 -14.08 6.91
N ALA A 296 18.14 -13.30 7.35
CA ALA A 296 18.41 -12.00 7.96
C ALA A 296 19.22 -12.17 9.24
N VAL A 297 18.90 -13.22 9.99
CA VAL A 297 19.62 -13.50 11.23
C VAL A 297 21.06 -13.94 10.94
N ALA A 298 21.23 -14.74 9.90
CA ALA A 298 22.55 -15.24 9.49
C ALA A 298 23.49 -14.11 9.10
N ILE A 299 22.96 -13.12 8.37
CA ILE A 299 23.76 -11.98 7.95
C ILE A 299 24.20 -11.20 9.18
N THR A 300 23.29 -11.06 10.13
CA THR A 300 23.58 -10.33 11.37
C THR A 300 24.66 -11.02 12.19
N LEU A 301 24.54 -12.33 12.38
CA LEU A 301 25.52 -13.07 13.14
C LEU A 301 26.89 -12.97 12.48
N ALA A 302 26.91 -12.95 11.15
CA ALA A 302 28.16 -12.86 10.40
C ALA A 302 28.81 -11.50 10.68
N CYS A 303 27.98 -10.47 10.84
CA CYS A 303 28.49 -9.13 11.10
C CYS A 303 29.24 -9.08 12.40
N PHE A 304 28.91 -10.00 13.30
CA PHE A 304 29.56 -10.02 14.60
C PHE A 304 30.52 -11.17 14.87
N GLY A 305 31.07 -11.76 13.82
CA GLY A 305 32.06 -12.81 14.01
C GLY A 305 31.83 -14.22 13.50
N LEU A 306 30.58 -14.66 13.39
CA LEU A 306 30.33 -16.02 12.92
C LEU A 306 30.92 -16.24 11.53
N ALA A 307 31.92 -17.13 11.45
CA ALA A 307 32.61 -17.44 10.18
C ALA A 307 32.24 -18.82 9.64
N ARG A 308 32.10 -18.93 8.32
CA ARG A 308 31.75 -20.21 7.72
C ARG A 308 32.83 -21.29 7.87
N GLU A 309 34.08 -20.86 8.06
CA GLU A 309 35.17 -21.82 8.23
C GLU A 309 35.19 -22.31 9.68
N GLY A 310 34.40 -21.67 10.53
CA GLY A 310 34.35 -22.08 11.92
C GLY A 310 34.98 -21.06 12.85
N ASN A 311 34.72 -21.23 14.15
CA ASN A 311 35.25 -20.36 15.18
C ASN A 311 35.72 -21.21 16.37
N HIS A 312 36.60 -20.65 17.18
CA HIS A 312 37.07 -21.34 18.36
C HIS A 312 37.66 -20.35 19.35
N LYS A 313 37.50 -20.66 20.63
CA LYS A 313 37.99 -19.78 21.68
C LYS A 313 39.49 -19.98 21.89
N PRO A 314 40.16 -18.94 22.41
CA PRO A 314 41.60 -19.10 22.62
C PRO A 314 41.91 -20.10 23.74
N ILE A 315 41.87 -21.39 23.42
CA ILE A 315 42.15 -22.44 24.37
C ILE A 315 42.59 -23.69 23.60
N ASP A 316 43.16 -24.66 24.30
CA ASP A 316 43.60 -25.89 23.68
C ASP A 316 42.48 -26.92 23.74
N TYR A 317 41.86 -27.17 22.59
CA TYR A 317 40.75 -28.11 22.49
C TYR A 317 41.13 -29.58 22.54
N LEU A 318 42.41 -29.88 22.30
CA LEU A 318 42.88 -31.26 22.35
C LEU A 318 43.37 -31.59 23.76
N ARG B 6 -21.99 13.50 -19.16
CA ARG B 6 -21.26 12.96 -20.36
C ARG B 6 -22.18 11.94 -21.05
N THR B 7 -21.62 11.20 -22.01
CA THR B 7 -22.40 10.18 -22.72
C THR B 7 -22.61 9.03 -21.74
N ILE B 8 -23.86 8.63 -21.55
CA ILE B 8 -24.17 7.57 -20.59
C ILE B 8 -24.81 6.31 -21.14
N GLY B 9 -24.42 5.18 -20.55
CA GLY B 9 -24.95 3.89 -20.95
C GLY B 9 -25.48 3.18 -19.72
N ILE B 10 -26.79 3.22 -19.53
CA ILE B 10 -27.42 2.60 -18.38
C ILE B 10 -27.59 1.09 -18.48
N ILE B 11 -27.31 0.40 -17.39
CA ILE B 11 -27.41 -1.05 -17.34
C ILE B 11 -28.15 -1.46 -16.08
N GLY B 12 -29.17 -2.30 -16.26
CA GLY B 12 -29.94 -2.76 -15.13
C GLY B 12 -29.46 -4.12 -14.70
N ALA B 13 -29.19 -4.28 -13.41
CA ALA B 13 -28.71 -5.56 -12.90
C ALA B 13 -29.56 -5.98 -11.71
N PRO B 14 -30.78 -6.48 -11.96
CA PRO B 14 -31.70 -6.93 -10.92
C PRO B 14 -31.26 -8.28 -10.35
N PHE B 15 -30.16 -8.28 -9.59
CA PHE B 15 -29.59 -9.49 -9.00
C PHE B 15 -29.50 -9.35 -7.48
N SER B 16 -29.75 -10.45 -6.76
CA SER B 16 -29.72 -10.41 -5.30
C SER B 16 -29.07 -11.61 -4.61
N LYS B 17 -28.58 -12.59 -5.37
CA LYS B 17 -27.98 -13.78 -4.78
C LYS B 17 -26.68 -13.61 -4.00
N GLY B 18 -26.05 -12.44 -4.09
CA GLY B 18 -24.82 -12.20 -3.37
C GLY B 18 -25.09 -11.97 -1.88
N GLN B 19 -26.37 -11.90 -1.53
CA GLN B 19 -26.76 -11.68 -0.13
C GLN B 19 -28.14 -12.27 0.16
N PRO B 20 -28.51 -12.37 1.44
CA PRO B 20 -29.79 -12.92 1.93
C PRO B 20 -31.14 -12.28 1.55
N ARG B 21 -31.31 -10.97 1.77
CA ARG B 21 -32.57 -10.30 1.46
C ARG B 21 -32.82 -10.09 -0.04
N GLY B 22 -33.91 -10.65 -0.54
CA GLY B 22 -34.21 -10.54 -1.97
C GLY B 22 -34.78 -9.25 -2.56
N GLY B 23 -35.32 -8.36 -1.74
CA GLY B 23 -35.89 -7.14 -2.28
C GLY B 23 -34.95 -6.20 -3.02
N VAL B 24 -33.66 -6.51 -3.00
CA VAL B 24 -32.66 -5.66 -3.64
C VAL B 24 -32.62 -5.76 -5.17
N GLU B 25 -33.17 -6.83 -5.74
CA GLU B 25 -33.16 -6.96 -7.18
C GLU B 25 -34.16 -6.01 -7.85
N GLU B 26 -35.01 -5.39 -7.05
CA GLU B 26 -36.00 -4.45 -7.58
C GLU B 26 -35.45 -3.03 -7.51
N GLY B 27 -34.13 -2.93 -7.41
CA GLY B 27 -33.48 -1.63 -7.34
C GLY B 27 -33.47 -0.93 -8.68
N PRO B 28 -33.18 -1.64 -9.77
CA PRO B 28 -33.16 -1.02 -11.10
C PRO B 28 -34.53 -0.45 -11.47
N THR B 29 -35.57 -1.07 -10.91
CA THR B 29 -36.95 -0.69 -11.19
C THR B 29 -37.33 0.61 -10.51
N VAL B 30 -37.05 0.70 -9.22
CA VAL B 30 -37.40 1.90 -8.47
C VAL B 30 -36.58 3.11 -8.86
N LEU B 31 -35.34 2.89 -9.28
CA LEU B 31 -34.47 4.00 -9.69
C LEU B 31 -34.98 4.60 -10.99
N ARG B 32 -35.37 3.76 -11.94
CA ARG B 32 -35.88 4.23 -13.22
C ARG B 32 -37.21 4.94 -12.99
N LYS B 33 -38.09 4.30 -12.23
CA LYS B 33 -39.40 4.85 -11.91
C LYS B 33 -39.34 6.12 -11.07
N ALA B 34 -38.12 6.52 -10.68
CA ALA B 34 -37.94 7.73 -9.89
C ALA B 34 -37.62 8.91 -10.80
N GLY B 35 -37.35 8.61 -12.07
CA GLY B 35 -37.07 9.65 -13.04
C GLY B 35 -35.60 9.81 -13.42
N LEU B 36 -34.76 8.86 -13.01
CA LEU B 36 -33.35 8.93 -13.33
C LEU B 36 -33.08 9.16 -14.82
N LEU B 37 -33.74 8.40 -15.68
CA LEU B 37 -33.55 8.54 -17.13
C LEU B 37 -33.94 9.93 -17.62
N GLU B 38 -35.16 10.37 -17.29
CA GLU B 38 -35.60 11.69 -17.71
C GLU B 38 -34.72 12.77 -17.10
N LYS B 39 -34.44 12.66 -15.80
CA LYS B 39 -33.63 13.64 -15.09
C LYS B 39 -32.27 13.87 -15.75
N LEU B 40 -31.61 12.80 -16.16
CA LEU B 40 -30.30 12.89 -16.82
C LEU B 40 -30.44 13.61 -18.15
N LYS B 41 -31.55 13.37 -18.84
CA LYS B 41 -31.79 14.02 -20.11
C LYS B 41 -32.06 15.50 -19.87
N GLU B 42 -32.75 15.81 -18.77
CA GLU B 42 -33.04 17.21 -18.42
C GLU B 42 -31.72 17.95 -18.37
N GLN B 43 -30.69 17.24 -17.91
CA GLN B 43 -29.36 17.82 -17.84
C GLN B 43 -28.79 17.81 -19.26
N GLU B 44 -27.48 17.96 -19.37
CA GLU B 44 -26.82 17.99 -20.67
C GLU B 44 -26.29 16.59 -20.99
N CYS B 45 -27.08 15.57 -20.70
CA CYS B 45 -26.65 14.19 -20.92
C CYS B 45 -27.30 13.43 -22.06
N ASP B 46 -26.47 12.68 -22.78
CA ASP B 46 -26.92 11.83 -23.89
C ASP B 46 -26.95 10.42 -23.31
N VAL B 47 -28.15 9.92 -23.03
CA VAL B 47 -28.31 8.59 -22.43
C VAL B 47 -28.97 7.53 -23.30
N LYS B 48 -28.42 6.32 -23.23
CA LYS B 48 -28.94 5.17 -23.96
C LYS B 48 -29.02 4.02 -22.97
N ASP B 49 -30.24 3.61 -22.65
CA ASP B 49 -30.48 2.54 -21.70
C ASP B 49 -30.42 1.15 -22.32
N TYR B 50 -29.41 0.38 -21.91
CA TYR B 50 -29.24 -0.99 -22.41
C TYR B 50 -30.13 -1.98 -21.68
N GLY B 51 -31.21 -1.47 -21.08
CA GLY B 51 -32.15 -2.31 -20.36
C GLY B 51 -31.58 -3.13 -19.23
N ASP B 52 -32.45 -3.82 -18.51
CA ASP B 52 -32.03 -4.68 -17.40
C ASP B 52 -31.60 -6.04 -17.93
N LEU B 53 -30.49 -6.53 -17.42
CA LEU B 53 -29.97 -7.81 -17.85
C LEU B 53 -30.76 -8.98 -17.31
N PRO B 54 -31.04 -9.98 -18.17
CA PRO B 54 -31.79 -11.17 -17.79
C PRO B 54 -30.82 -12.19 -17.19
N PHE B 55 -30.84 -12.34 -15.88
CA PHE B 55 -29.97 -13.29 -15.21
C PHE B 55 -30.64 -14.66 -15.14
N ALA B 56 -30.14 -15.59 -15.93
CA ALA B 56 -30.69 -16.94 -15.96
C ALA B 56 -30.48 -17.62 -14.60
N ASP B 57 -31.58 -18.07 -14.01
CA ASP B 57 -31.52 -18.74 -12.72
C ASP B 57 -30.76 -20.06 -12.85
N ILE B 58 -29.88 -20.32 -11.89
CA ILE B 58 -29.08 -21.54 -11.88
C ILE B 58 -29.56 -22.47 -10.77
N PRO B 59 -30.41 -23.45 -11.12
CA PRO B 59 -30.96 -24.42 -10.17
C PRO B 59 -29.91 -24.97 -9.21
N ASN B 60 -29.17 -25.98 -9.67
CA ASN B 60 -28.15 -26.60 -8.84
C ASN B 60 -26.97 -25.67 -8.60
N ASP B 61 -27.08 -24.87 -7.54
CA ASP B 61 -26.01 -23.94 -7.17
C ASP B 61 -25.56 -24.22 -5.74
N SER B 62 -25.17 -25.47 -5.49
CA SER B 62 -24.72 -25.91 -4.17
C SER B 62 -23.65 -24.99 -3.59
N PRO B 63 -23.73 -24.72 -2.27
CA PRO B 63 -22.78 -23.87 -1.55
C PRO B 63 -21.33 -24.33 -1.60
N PHE B 64 -20.43 -23.44 -1.99
CA PHE B 64 -19.01 -23.75 -2.02
C PHE B 64 -18.53 -23.42 -0.61
N GLN B 65 -18.25 -24.45 0.19
CA GLN B 65 -17.82 -24.23 1.56
C GLN B 65 -18.90 -23.41 2.27
N ILE B 66 -18.50 -22.26 2.80
CA ILE B 66 -19.44 -21.37 3.48
C ILE B 66 -20.04 -20.39 2.47
N VAL B 67 -19.52 -20.41 1.25
CA VAL B 67 -19.98 -19.52 0.18
C VAL B 67 -21.25 -20.02 -0.51
N LYS B 68 -22.29 -19.17 -0.51
CA LYS B 68 -23.58 -19.48 -1.12
C LYS B 68 -23.79 -18.86 -2.50
N ASN B 69 -24.55 -19.56 -3.33
CA ASN B 69 -24.87 -19.14 -4.70
C ASN B 69 -23.63 -18.73 -5.49
N PRO B 70 -22.53 -19.49 -5.38
CA PRO B 70 -21.31 -19.13 -6.12
C PRO B 70 -21.44 -19.16 -7.64
N ARG B 71 -22.24 -20.09 -8.15
CA ARG B 71 -22.43 -20.24 -9.58
C ARG B 71 -23.31 -19.14 -10.18
N SER B 72 -24.36 -18.73 -9.48
CA SER B 72 -25.23 -17.70 -10.01
C SER B 72 -24.64 -16.30 -9.81
N VAL B 73 -23.85 -16.12 -8.75
CA VAL B 73 -23.22 -14.83 -8.49
C VAL B 73 -22.13 -14.63 -9.53
N GLY B 74 -21.29 -15.64 -9.67
CA GLY B 74 -20.21 -15.58 -10.64
C GLY B 74 -20.73 -15.50 -12.06
N LYS B 75 -21.92 -16.07 -12.28
CA LYS B 75 -22.56 -16.06 -13.59
C LYS B 75 -23.14 -14.69 -13.91
N ALA B 76 -23.81 -14.08 -12.94
CA ALA B 76 -24.41 -12.77 -13.16
C ALA B 76 -23.30 -11.75 -13.41
N SER B 77 -22.19 -11.88 -12.69
CA SER B 77 -21.07 -10.96 -12.85
C SER B 77 -20.40 -11.07 -14.21
N GLU B 78 -20.29 -12.29 -14.73
CA GLU B 78 -19.68 -12.48 -16.04
C GLU B 78 -20.53 -11.88 -17.14
N GLN B 79 -21.84 -11.93 -16.98
CA GLN B 79 -22.75 -11.34 -17.98
C GLN B 79 -22.54 -9.83 -17.94
N LEU B 80 -22.71 -9.27 -16.75
CA LEU B 80 -22.57 -7.84 -16.51
C LEU B 80 -21.22 -7.30 -16.98
N ALA B 81 -20.18 -8.13 -16.92
CA ALA B 81 -18.83 -7.74 -17.33
C ALA B 81 -18.78 -7.56 -18.84
N GLY B 82 -19.52 -8.38 -19.56
CA GLY B 82 -19.53 -8.28 -21.00
C GLY B 82 -20.34 -7.07 -21.44
N LYS B 83 -21.40 -6.77 -20.69
CA LYS B 83 -22.27 -5.62 -21.01
C LYS B 83 -21.55 -4.30 -20.76
N VAL B 84 -20.63 -4.29 -19.79
CA VAL B 84 -19.89 -3.08 -19.46
C VAL B 84 -18.80 -2.79 -20.50
N ALA B 85 -18.08 -3.82 -20.93
CA ALA B 85 -17.02 -3.61 -21.92
C ALA B 85 -17.65 -3.13 -23.22
N GLU B 86 -18.89 -3.57 -23.44
CA GLU B 86 -19.65 -3.21 -24.63
C GLU B 86 -20.02 -1.73 -24.62
N VAL B 87 -20.68 -1.30 -23.54
CA VAL B 87 -21.08 0.09 -23.39
C VAL B 87 -19.84 0.98 -23.34
N LYS B 88 -18.76 0.44 -22.78
CA LYS B 88 -17.50 1.19 -22.69
C LYS B 88 -16.87 1.34 -24.07
N LYS B 89 -17.18 0.40 -24.97
CA LYS B 89 -16.64 0.46 -26.33
C LYS B 89 -17.46 1.38 -27.22
N ASN B 90 -18.63 1.80 -26.75
CA ASN B 90 -19.49 2.70 -27.51
C ASN B 90 -19.26 4.15 -27.08
N GLY B 91 -18.10 4.41 -26.48
CA GLY B 91 -17.78 5.76 -26.04
C GLY B 91 -18.69 6.32 -24.95
N ARG B 92 -19.17 5.44 -24.07
CA ARG B 92 -20.07 5.85 -22.99
C ARG B 92 -19.56 5.51 -21.60
N ILE B 93 -20.16 6.17 -20.61
CA ILE B 93 -19.85 5.94 -19.20
C ILE B 93 -20.87 4.87 -18.81
N SER B 94 -20.40 3.75 -18.27
CA SER B 94 -21.30 2.68 -17.87
C SER B 94 -21.97 3.02 -16.53
N LEU B 95 -23.28 2.89 -16.49
CA LEU B 95 -24.04 3.20 -15.30
C LEU B 95 -24.81 1.97 -14.86
N VAL B 96 -24.24 1.24 -13.90
CA VAL B 96 -24.87 0.01 -13.41
C VAL B 96 -25.75 0.24 -12.17
N LEU B 97 -27.01 -0.16 -12.29
CA LEU B 97 -27.95 -0.03 -11.19
C LEU B 97 -28.19 -1.39 -10.55
N GLY B 98 -27.63 -1.58 -9.35
CA GLY B 98 -27.80 -2.84 -8.65
C GLY B 98 -29.13 -2.85 -7.92
N GLY B 99 -29.47 -3.97 -7.25
CA GLY B 99 -28.59 -5.12 -7.20
C GLY B 99 -27.64 -5.07 -6.02
N ASP B 100 -27.12 -6.23 -5.63
CA ASP B 100 -26.19 -6.29 -4.51
C ASP B 100 -24.76 -6.05 -5.00
N HIS B 101 -23.89 -5.62 -4.11
CA HIS B 101 -22.52 -5.31 -4.47
C HIS B 101 -21.63 -6.41 -5.03
N SER B 102 -22.10 -7.65 -5.06
CA SER B 102 -21.27 -8.74 -5.61
C SER B 102 -21.07 -8.49 -7.10
N LEU B 103 -21.96 -7.70 -7.69
CA LEU B 103 -21.92 -7.37 -9.10
C LEU B 103 -20.73 -6.48 -9.46
N ALA B 104 -20.03 -5.97 -8.45
CA ALA B 104 -18.88 -5.09 -8.69
C ALA B 104 -17.76 -5.86 -9.39
N ILE B 105 -17.72 -7.16 -9.19
CA ILE B 105 -16.71 -7.99 -9.85
C ILE B 105 -16.92 -7.82 -11.35
N GLY B 106 -18.14 -8.08 -11.81
CA GLY B 106 -18.45 -7.94 -13.22
C GLY B 106 -18.30 -6.51 -13.74
N SER B 107 -18.79 -5.54 -12.98
CA SER B 107 -18.73 -4.13 -13.37
C SER B 107 -17.28 -3.67 -13.56
N ILE B 108 -16.46 -3.85 -12.53
CA ILE B 108 -15.06 -3.46 -12.56
C ILE B 108 -14.32 -4.25 -13.65
N SER B 109 -14.51 -5.57 -13.67
CA SER B 109 -13.84 -6.42 -14.66
C SER B 109 -14.14 -5.95 -16.07
N GLY B 110 -15.41 -5.99 -16.46
CA GLY B 110 -15.80 -5.57 -17.79
C GLY B 110 -15.31 -4.18 -18.11
N HIS B 111 -15.13 -3.36 -17.09
CA HIS B 111 -14.65 -2.00 -17.25
C HIS B 111 -13.15 -2.00 -17.51
N ALA B 112 -12.44 -2.83 -16.74
CA ALA B 112 -10.99 -2.93 -16.85
C ALA B 112 -10.53 -3.60 -18.15
N ARG B 113 -11.47 -4.20 -18.89
CA ARG B 113 -11.13 -4.84 -20.15
C ARG B 113 -10.81 -3.79 -21.21
N VAL B 114 -11.51 -2.66 -21.15
CA VAL B 114 -11.28 -1.58 -22.11
C VAL B 114 -10.32 -0.55 -21.54
N HIS B 115 -10.43 -0.31 -20.24
CA HIS B 115 -9.57 0.65 -19.56
C HIS B 115 -8.92 -0.05 -18.38
N PRO B 116 -7.88 -0.85 -18.63
CA PRO B 116 -7.18 -1.59 -17.57
C PRO B 116 -6.38 -0.70 -16.63
N ASP B 117 -6.21 0.55 -17.01
CA ASP B 117 -5.45 1.50 -16.21
C ASP B 117 -6.34 2.30 -15.22
N LEU B 118 -7.59 1.88 -15.07
CA LEU B 118 -8.55 2.56 -14.19
C LEU B 118 -8.27 2.52 -12.70
N GLY B 119 -8.67 3.59 -12.02
CA GLY B 119 -8.50 3.69 -10.57
C GLY B 119 -9.89 3.57 -9.97
N VAL B 120 -10.00 3.00 -8.78
CA VAL B 120 -11.31 2.81 -8.15
C VAL B 120 -11.51 3.56 -6.85
N ILE B 121 -12.70 4.15 -6.72
CA ILE B 121 -13.10 4.83 -5.49
C ILE B 121 -14.32 4.03 -5.03
N TRP B 122 -14.22 3.49 -3.82
CA TRP B 122 -15.26 2.64 -3.26
C TRP B 122 -15.93 3.31 -2.07
N VAL B 123 -17.07 3.96 -2.29
CA VAL B 123 -17.80 4.62 -1.20
C VAL B 123 -18.61 3.52 -0.54
N ASP B 124 -18.36 3.30 0.75
CA ASP B 124 -19.02 2.19 1.41
C ASP B 124 -18.76 2.17 2.90
N ALA B 125 -19.68 1.58 3.65
CA ALA B 125 -19.51 1.44 5.08
C ALA B 125 -18.64 0.21 5.28
N HIS B 126 -18.66 -0.70 4.30
CA HIS B 126 -17.87 -1.95 4.36
C HIS B 126 -16.79 -2.03 3.29
N THR B 127 -15.75 -2.82 3.55
CA THR B 127 -14.64 -3.01 2.61
C THR B 127 -14.97 -4.04 1.54
N ASP B 128 -15.85 -4.98 1.87
CA ASP B 128 -16.24 -6.03 0.94
C ASP B 128 -15.00 -6.68 0.36
N ILE B 129 -14.01 -6.94 1.20
CA ILE B 129 -12.77 -7.54 0.72
C ILE B 129 -12.49 -8.91 1.35
N ASN B 130 -13.52 -9.55 1.88
CA ASN B 130 -13.34 -10.88 2.46
C ASN B 130 -13.09 -11.87 1.32
N THR B 131 -12.34 -12.93 1.61
CA THR B 131 -12.07 -13.95 0.60
C THR B 131 -12.93 -15.14 0.99
N PRO B 132 -13.02 -16.15 0.12
CA PRO B 132 -13.84 -17.33 0.42
C PRO B 132 -13.44 -18.02 1.72
N LEU B 133 -12.19 -17.84 2.14
CA LEU B 133 -11.67 -18.46 3.36
C LEU B 133 -11.55 -17.55 4.58
N THR B 134 -11.97 -16.29 4.44
CA THR B 134 -11.90 -15.34 5.55
C THR B 134 -13.30 -14.88 5.94
N THR B 135 -14.25 -15.10 5.05
CA THR B 135 -15.63 -14.70 5.32
C THR B 135 -16.26 -15.60 6.36
N THR B 136 -17.17 -15.04 7.16
CA THR B 136 -17.84 -15.81 8.19
C THR B 136 -19.31 -15.99 7.87
N SER B 137 -19.89 -15.03 7.14
CA SER B 137 -21.29 -15.08 6.78
C SER B 137 -21.50 -15.89 5.51
N GLY B 138 -20.50 -15.88 4.64
CA GLY B 138 -20.58 -16.62 3.39
C GLY B 138 -21.25 -15.89 2.23
N ASN B 139 -21.69 -14.65 2.46
CA ASN B 139 -22.34 -13.88 1.41
C ASN B 139 -21.31 -13.22 0.50
N LEU B 140 -21.45 -13.45 -0.81
CA LEU B 140 -20.51 -12.89 -1.79
C LEU B 140 -20.53 -11.37 -1.98
N HIS B 141 -21.54 -10.68 -1.46
CA HIS B 141 -21.60 -9.23 -1.61
C HIS B 141 -20.60 -8.57 -0.67
N GLY B 142 -19.93 -9.41 0.11
CA GLY B 142 -18.93 -8.92 1.04
C GLY B 142 -17.56 -9.45 0.67
N GLN B 143 -17.41 -9.87 -0.58
CA GLN B 143 -16.17 -10.43 -1.11
C GLN B 143 -15.74 -9.88 -2.49
N PRO B 144 -16.56 -9.04 -3.15
CA PRO B 144 -16.16 -8.54 -4.46
C PRO B 144 -14.69 -8.12 -4.67
N VAL B 145 -14.23 -7.18 -3.85
CA VAL B 145 -12.86 -6.69 -3.97
C VAL B 145 -11.78 -7.78 -3.97
N SER B 146 -11.93 -8.81 -3.13
CA SER B 146 -10.93 -9.88 -3.07
C SER B 146 -10.67 -10.52 -4.43
N PHE B 147 -11.75 -10.84 -5.16
CA PHE B 147 -11.65 -11.44 -6.49
C PHE B 147 -10.97 -10.52 -7.50
N LEU B 148 -11.04 -9.21 -7.24
CA LEU B 148 -10.47 -8.22 -8.15
C LEU B 148 -9.00 -7.86 -7.92
N LEU B 149 -8.55 -7.88 -6.68
CA LEU B 149 -7.16 -7.52 -6.39
C LEU B 149 -6.12 -8.54 -6.81
N LYS B 150 -5.14 -8.07 -7.59
CA LYS B 150 -4.07 -8.92 -8.04
C LYS B 150 -3.27 -9.45 -6.84
N GLU B 151 -2.96 -8.54 -5.91
CA GLU B 151 -2.20 -8.89 -4.71
C GLU B 151 -2.80 -10.04 -3.92
N LEU B 152 -4.08 -10.33 -4.16
CA LEU B 152 -4.77 -11.40 -3.45
C LEU B 152 -4.91 -12.65 -4.31
N LYS B 153 -4.36 -12.56 -5.51
CA LYS B 153 -4.37 -13.68 -6.45
C LYS B 153 -3.41 -14.69 -5.84
N GLY B 154 -3.97 -15.75 -5.27
CA GLY B 154 -3.16 -16.76 -4.62
C GLY B 154 -3.80 -17.12 -3.30
N LYS B 155 -4.69 -16.25 -2.83
CA LYS B 155 -5.40 -16.45 -1.57
C LYS B 155 -6.87 -16.80 -1.89
N ILE B 156 -7.24 -16.63 -3.14
CA ILE B 156 -8.60 -16.90 -3.60
C ILE B 156 -8.77 -18.33 -4.11
N PRO B 157 -9.65 -19.12 -3.46
CA PRO B 157 -9.90 -20.51 -3.85
C PRO B 157 -10.69 -20.59 -5.16
N ASP B 158 -10.43 -21.61 -5.96
CA ASP B 158 -11.15 -21.78 -7.22
C ASP B 158 -12.62 -22.00 -6.92
N VAL B 159 -13.38 -20.91 -6.83
CA VAL B 159 -14.81 -21.02 -6.53
C VAL B 159 -15.63 -21.20 -7.80
N PRO B 160 -16.59 -22.13 -7.77
CA PRO B 160 -17.45 -22.39 -8.94
C PRO B 160 -18.15 -21.16 -9.49
N GLY B 161 -17.86 -20.83 -10.75
CA GLY B 161 -18.49 -19.69 -11.38
C GLY B 161 -17.58 -18.51 -11.65
N PHE B 162 -16.37 -18.52 -11.08
CA PHE B 162 -15.45 -17.42 -11.26
C PHE B 162 -14.15 -17.76 -12.00
N SER B 163 -14.22 -18.72 -12.90
CA SER B 163 -13.02 -19.12 -13.63
C SER B 163 -12.61 -18.01 -14.60
N TRP B 164 -13.61 -17.34 -15.17
CA TRP B 164 -13.39 -16.27 -16.15
C TRP B 164 -12.66 -15.06 -15.56
N VAL B 165 -12.77 -14.91 -14.24
CA VAL B 165 -12.17 -13.78 -13.55
C VAL B 165 -10.66 -13.69 -13.59
N THR B 166 -10.18 -12.46 -13.69
CA THR B 166 -8.75 -12.18 -13.71
C THR B 166 -8.55 -10.93 -12.88
N PRO B 167 -7.79 -11.03 -11.77
CA PRO B 167 -7.55 -9.86 -10.92
C PRO B 167 -7.09 -8.70 -11.81
N CYS B 168 -7.93 -7.70 -11.95
CA CYS B 168 -7.65 -6.55 -12.81
C CYS B 168 -7.26 -5.25 -12.12
N ILE B 169 -7.21 -5.24 -10.80
CA ILE B 169 -6.84 -4.02 -10.09
C ILE B 169 -5.78 -4.25 -9.03
N SER B 170 -4.80 -3.37 -8.97
CA SER B 170 -3.74 -3.48 -7.98
C SER B 170 -4.14 -2.75 -6.71
N ALA B 171 -3.56 -3.19 -5.59
CA ALA B 171 -3.85 -2.61 -4.29
C ALA B 171 -3.65 -1.09 -4.22
N LYS B 172 -2.68 -0.58 -4.98
CA LYS B 172 -2.41 0.86 -4.96
C LYS B 172 -3.26 1.71 -5.91
N ASP B 173 -4.28 1.11 -6.52
CA ASP B 173 -5.15 1.86 -7.44
C ASP B 173 -6.61 1.87 -7.01
N ILE B 174 -6.85 1.70 -5.72
CA ILE B 174 -8.21 1.70 -5.20
C ILE B 174 -8.24 2.53 -3.92
N VAL B 175 -9.33 3.26 -3.72
CA VAL B 175 -9.48 4.09 -2.53
C VAL B 175 -10.84 3.93 -1.88
N TYR B 176 -10.82 3.65 -0.58
CA TYR B 176 -12.05 3.50 0.20
C TYR B 176 -12.45 4.81 0.86
N ILE B 177 -13.76 5.03 0.99
CA ILE B 177 -14.29 6.21 1.66
C ILE B 177 -15.59 5.83 2.38
N GLY B 178 -15.63 6.02 3.69
CA GLY B 178 -16.82 5.73 4.46
C GLY B 178 -16.78 4.56 5.44
N LEU B 179 -15.70 3.78 5.43
CA LEU B 179 -15.59 2.62 6.32
C LEU B 179 -15.90 2.83 7.80
N ARG B 180 -16.71 1.93 8.36
CA ARG B 180 -17.07 1.98 9.77
C ARG B 180 -17.53 0.62 10.33
N ASP B 181 -17.35 -0.43 9.53
CA ASP B 181 -17.69 -1.80 9.91
C ASP B 181 -16.87 -2.78 9.08
N VAL B 182 -15.61 -2.96 9.49
CA VAL B 182 -14.67 -3.84 8.80
C VAL B 182 -14.41 -5.09 9.63
N ASP B 183 -14.31 -6.24 8.97
CA ASP B 183 -14.04 -7.50 9.68
C ASP B 183 -12.56 -7.55 10.03
N PRO B 184 -12.20 -8.31 11.10
CA PRO B 184 -10.80 -8.44 11.53
C PRO B 184 -9.87 -8.89 10.40
N GLY B 185 -10.32 -9.84 9.60
CA GLY B 185 -9.52 -10.32 8.49
C GLY B 185 -9.38 -9.26 7.42
N GLU B 186 -10.47 -8.53 7.17
CA GLU B 186 -10.48 -7.48 6.18
C GLU B 186 -9.52 -6.37 6.57
N HIS B 187 -9.49 -6.06 7.87
CA HIS B 187 -8.60 -5.03 8.38
C HIS B 187 -7.15 -5.47 8.14
N TYR B 188 -6.87 -6.74 8.44
CA TYR B 188 -5.53 -7.31 8.25
C TYR B 188 -5.12 -7.14 6.80
N ILE B 189 -6.09 -7.27 5.90
CA ILE B 189 -5.83 -7.13 4.47
C ILE B 189 -5.50 -5.68 4.13
N LEU B 190 -6.35 -4.77 4.60
CA LEU B 190 -6.14 -3.34 4.34
C LEU B 190 -4.73 -2.93 4.68
N LYS B 191 -4.38 -3.10 5.95
CA LYS B 191 -3.07 -2.76 6.48
C LYS B 191 -1.93 -3.48 5.79
N THR B 192 -2.02 -4.79 5.70
CA THR B 192 -0.98 -5.59 5.06
C THR B 192 -0.70 -5.16 3.63
N LEU B 193 -1.73 -5.11 2.79
CA LEU B 193 -1.55 -4.71 1.40
C LEU B 193 -1.39 -3.20 1.23
N GLY B 194 -1.59 -2.46 2.31
CA GLY B 194 -1.45 -1.02 2.29
C GLY B 194 -2.41 -0.28 1.38
N ILE B 195 -3.67 -0.71 1.36
CA ILE B 195 -4.70 -0.09 0.56
C ILE B 195 -5.10 1.25 1.18
N LYS B 196 -5.22 2.28 0.35
CA LYS B 196 -5.59 3.61 0.82
C LYS B 196 -7.06 3.66 1.20
N TYR B 197 -7.34 4.15 2.41
CA TYR B 197 -8.70 4.23 2.87
C TYR B 197 -8.95 5.44 3.75
N PHE B 198 -10.19 5.90 3.72
CA PHE B 198 -10.63 7.02 4.52
C PHE B 198 -11.90 6.51 5.21
N SER B 199 -11.74 6.02 6.44
CA SER B 199 -12.87 5.54 7.21
C SER B 199 -13.53 6.76 7.84
N MET B 200 -14.69 6.57 8.46
CA MET B 200 -15.36 7.70 9.10
C MET B 200 -14.46 8.48 10.04
N THR B 201 -13.47 7.80 10.62
CA THR B 201 -12.52 8.44 11.54
C THR B 201 -11.72 9.53 10.82
N GLU B 202 -11.22 9.19 9.64
CA GLU B 202 -10.44 10.13 8.83
C GLU B 202 -11.33 11.23 8.23
N VAL B 203 -12.60 10.91 7.99
CA VAL B 203 -13.50 11.91 7.45
C VAL B 203 -13.80 12.94 8.54
N ASP B 204 -13.89 12.47 9.78
CA ASP B 204 -14.15 13.36 10.90
C ASP B 204 -12.93 14.24 11.14
N ARG B 205 -11.76 13.63 11.01
CA ARG B 205 -10.50 14.34 11.20
C ARG B 205 -10.21 15.38 10.13
N LEU B 206 -10.23 14.97 8.86
CA LEU B 206 -9.93 15.87 7.75
C LEU B 206 -11.08 16.68 7.15
N GLY B 207 -12.31 16.18 7.30
CA GLY B 207 -13.44 16.86 6.69
C GLY B 207 -13.49 16.30 5.28
N ILE B 208 -14.68 16.16 4.71
CA ILE B 208 -14.80 15.58 3.38
C ILE B 208 -14.03 16.41 2.33
N GLY B 209 -13.85 17.70 2.61
CA GLY B 209 -13.14 18.56 1.69
C GLY B 209 -11.73 18.08 1.42
N LYS B 210 -10.96 17.84 2.48
CA LYS B 210 -9.59 17.37 2.34
C LYS B 210 -9.55 15.88 1.97
N VAL B 211 -10.59 15.14 2.31
CA VAL B 211 -10.65 13.72 1.97
C VAL B 211 -10.66 13.52 0.45
N MET B 212 -11.43 14.37 -0.25
CA MET B 212 -11.53 14.30 -1.70
C MET B 212 -10.28 14.81 -2.41
N GLU B 213 -9.59 15.76 -1.80
CA GLU B 213 -8.36 16.28 -2.39
C GLU B 213 -7.27 15.23 -2.31
N GLU B 214 -7.15 14.60 -1.14
CA GLU B 214 -6.15 13.57 -0.94
C GLU B 214 -6.48 12.31 -1.73
N THR B 215 -7.77 12.03 -1.92
CA THR B 215 -8.18 10.85 -2.68
C THR B 215 -7.83 11.01 -4.15
N LEU B 216 -8.19 12.16 -4.74
CA LEU B 216 -7.93 12.40 -6.16
C LEU B 216 -6.44 12.57 -6.45
N SER B 217 -5.70 13.14 -5.51
CA SER B 217 -4.26 13.33 -5.70
C SER B 217 -3.56 11.97 -5.67
N TYR B 218 -4.05 11.07 -4.81
CA TYR B 218 -3.48 9.73 -4.68
C TYR B 218 -3.70 8.90 -5.94
N LEU B 219 -4.91 8.96 -6.48
CA LEU B 219 -5.24 8.20 -7.68
C LEU B 219 -4.82 8.87 -9.00
N LEU B 220 -4.98 10.18 -9.09
CA LEU B 220 -4.64 10.90 -10.32
C LEU B 220 -3.32 11.65 -10.32
N GLY B 221 -2.62 11.64 -9.20
CA GLY B 221 -1.34 12.32 -9.13
C GLY B 221 -0.44 11.92 -10.27
N ARG B 222 0.03 10.67 -10.24
CA ARG B 222 0.91 10.12 -11.25
C ARG B 222 0.49 10.40 -12.69
N LYS B 223 -0.80 10.22 -12.99
CA LYS B 223 -1.32 10.43 -14.34
C LYS B 223 -2.85 10.43 -14.40
N LYS B 224 -3.40 11.09 -15.42
CA LYS B 224 -4.85 11.14 -15.61
C LYS B 224 -5.32 9.80 -16.15
N ARG B 225 -6.01 9.03 -15.30
CA ARG B 225 -6.51 7.72 -15.71
C ARG B 225 -7.99 7.59 -15.38
N PRO B 226 -8.71 6.73 -16.12
CA PRO B 226 -10.14 6.49 -15.92
C PRO B 226 -10.49 6.24 -14.46
N ILE B 227 -11.69 6.65 -14.07
CA ILE B 227 -12.15 6.48 -12.69
C ILE B 227 -13.45 5.70 -12.60
N HIS B 228 -13.44 4.67 -11.76
CA HIS B 228 -14.61 3.86 -11.54
C HIS B 228 -15.13 4.12 -10.15
N LEU B 229 -16.36 4.60 -10.04
CA LEU B 229 -16.98 4.86 -8.75
C LEU B 229 -18.00 3.77 -8.43
N SER B 230 -17.71 2.98 -7.40
CA SER B 230 -18.63 1.92 -6.99
C SER B 230 -19.31 2.44 -5.72
N PHE B 231 -20.55 2.91 -5.87
CA PHE B 231 -21.25 3.49 -4.72
C PHE B 231 -22.30 2.60 -4.03
N ASP B 232 -21.98 2.17 -2.81
CA ASP B 232 -22.89 1.38 -2.00
C ASP B 232 -23.63 2.42 -1.14
N VAL B 233 -24.93 2.57 -1.36
CA VAL B 233 -25.69 3.57 -0.61
C VAL B 233 -25.59 3.48 0.91
N ASP B 234 -25.24 2.31 1.44
CA ASP B 234 -25.12 2.18 2.89
C ASP B 234 -23.84 2.84 3.39
N GLY B 235 -23.15 3.54 2.49
CA GLY B 235 -21.95 4.26 2.86
C GLY B 235 -22.40 5.52 3.61
N LEU B 236 -23.61 5.96 3.29
CA LEU B 236 -24.21 7.14 3.94
C LEU B 236 -25.00 6.70 5.17
N ASP B 237 -25.14 7.60 6.14
CA ASP B 237 -25.85 7.30 7.36
C ASP B 237 -27.27 6.80 7.07
N PRO B 238 -27.74 5.78 7.81
CA PRO B 238 -29.08 5.20 7.63
C PRO B 238 -30.29 6.15 7.75
N SER B 239 -30.04 7.40 8.14
CA SER B 239 -31.12 8.37 8.26
C SER B 239 -31.35 9.06 6.92
N PHE B 240 -30.49 8.73 5.94
CA PHE B 240 -30.60 9.28 4.59
C PHE B 240 -30.86 8.14 3.61
N THR B 241 -30.33 6.97 3.92
CA THR B 241 -30.50 5.80 3.08
C THR B 241 -30.92 4.61 3.94
N PRO B 242 -32.09 4.69 4.58
CA PRO B 242 -32.55 3.58 5.44
C PRO B 242 -32.87 2.26 4.73
N ALA B 243 -33.43 2.33 3.53
CA ALA B 243 -33.79 1.14 2.77
C ALA B 243 -32.58 0.41 2.16
N THR B 244 -31.80 -0.24 3.01
CA THR B 244 -30.61 -0.98 2.57
C THR B 244 -30.44 -2.21 3.47
N GLY B 245 -29.85 -3.27 2.93
CA GLY B 245 -29.67 -4.51 3.68
C GLY B 245 -28.76 -4.55 4.90
N THR B 246 -27.74 -3.72 4.93
CA THR B 246 -26.82 -3.71 6.06
C THR B 246 -26.41 -2.28 6.44
N PRO B 247 -27.34 -1.54 7.08
CA PRO B 247 -27.13 -0.15 7.52
C PRO B 247 -26.25 -0.01 8.76
N VAL B 248 -25.33 0.96 8.72
CA VAL B 248 -24.43 1.21 9.84
C VAL B 248 -24.51 2.68 10.27
N VAL B 249 -24.63 2.93 11.56
CA VAL B 249 -24.75 4.29 12.08
C VAL B 249 -23.45 5.07 11.98
N GLY B 250 -23.58 6.41 12.01
CA GLY B 250 -22.42 7.28 11.92
C GLY B 250 -21.80 7.33 10.53
N GLY B 251 -22.66 7.27 9.50
CA GLY B 251 -22.17 7.29 8.13
C GLY B 251 -22.07 8.67 7.52
N LEU B 252 -21.81 8.72 6.21
CA LEU B 252 -21.68 9.98 5.50
C LEU B 252 -23.05 10.67 5.42
N THR B 253 -23.03 12.00 5.50
CA THR B 253 -24.24 12.79 5.44
C THR B 253 -24.68 12.95 3.98
N TYR B 254 -25.88 13.49 3.78
CA TYR B 254 -26.39 13.72 2.43
C TYR B 254 -25.41 14.66 1.73
N ARG B 255 -25.06 15.74 2.42
CA ARG B 255 -24.12 16.74 1.92
C ARG B 255 -22.76 16.15 1.53
N GLU B 256 -22.23 15.24 2.35
CA GLU B 256 -20.94 14.62 2.06
C GLU B 256 -21.10 13.63 0.90
N GLY B 257 -22.30 13.13 0.71
CA GLY B 257 -22.55 12.21 -0.40
C GLY B 257 -22.49 12.98 -1.71
N LEU B 258 -23.05 14.19 -1.69
CA LEU B 258 -23.07 15.05 -2.87
C LEU B 258 -21.72 15.70 -3.18
N TYR B 259 -20.93 15.93 -2.15
CA TYR B 259 -19.62 16.55 -2.36
C TYR B 259 -18.69 15.59 -3.10
N ILE B 260 -18.66 14.35 -2.64
CA ILE B 260 -17.83 13.31 -3.22
C ILE B 260 -18.06 13.20 -4.72
N THR B 261 -19.31 13.04 -5.10
CA THR B 261 -19.68 12.89 -6.51
C THR B 261 -19.50 14.18 -7.34
N GLU B 262 -19.74 15.35 -6.74
CA GLU B 262 -19.55 16.61 -7.47
C GLU B 262 -18.05 16.79 -7.75
N GLU B 263 -17.21 16.33 -6.83
CA GLU B 263 -15.76 16.45 -7.04
C GLU B 263 -15.25 15.46 -8.09
N ILE B 264 -15.79 14.25 -8.10
CA ILE B 264 -15.36 13.28 -9.08
C ILE B 264 -15.79 13.72 -10.49
N TYR B 265 -16.95 14.37 -10.58
CA TYR B 265 -17.45 14.85 -11.85
C TYR B 265 -16.51 15.89 -12.46
N LYS B 266 -16.02 16.80 -11.63
CA LYS B 266 -15.13 17.84 -12.13
C LYS B 266 -13.77 17.34 -12.58
N THR B 267 -13.42 16.11 -12.22
CA THR B 267 -12.14 15.53 -12.64
C THR B 267 -12.30 15.31 -14.14
N GLY B 268 -13.52 14.97 -14.54
CA GLY B 268 -13.82 14.72 -15.93
C GLY B 268 -13.28 13.36 -16.34
N LEU B 269 -12.97 12.51 -15.36
CA LEU B 269 -12.42 11.19 -15.65
C LEU B 269 -13.34 10.05 -15.28
N LEU B 270 -14.54 10.35 -14.79
CA LEU B 270 -15.48 9.30 -14.43
C LEU B 270 -15.79 8.51 -15.70
N SER B 271 -15.65 7.19 -15.66
CA SER B 271 -15.94 6.38 -16.84
C SER B 271 -16.84 5.20 -16.48
N GLY B 272 -17.03 4.98 -15.19
CA GLY B 272 -17.88 3.89 -14.74
C GLY B 272 -18.45 4.19 -13.37
N LEU B 273 -19.73 3.88 -13.18
CA LEU B 273 -20.38 4.13 -11.90
C LEU B 273 -21.33 3.01 -11.51
N ASP B 274 -21.36 2.69 -10.22
CA ASP B 274 -22.24 1.66 -9.68
C ASP B 274 -23.07 2.27 -8.58
N ILE B 275 -24.35 1.95 -8.55
CA ILE B 275 -25.27 2.42 -7.52
C ILE B 275 -25.82 1.11 -6.97
N MET B 276 -25.32 0.69 -5.82
CA MET B 276 -25.73 -0.57 -5.24
C MET B 276 -26.44 -0.54 -3.90
N GLU B 277 -26.89 -1.72 -3.50
CA GLU B 277 -27.56 -1.96 -2.23
C GLU B 277 -28.85 -1.21 -1.93
N VAL B 278 -29.54 -0.71 -2.95
CA VAL B 278 -30.81 -0.06 -2.68
C VAL B 278 -31.86 -1.17 -2.62
N ASN B 279 -32.52 -1.31 -1.48
CA ASN B 279 -33.52 -2.36 -1.30
C ASN B 279 -34.84 -1.77 -0.83
N PRO B 280 -35.77 -1.50 -1.76
CA PRO B 280 -37.08 -0.93 -1.46
C PRO B 280 -37.87 -1.74 -0.43
N SER B 281 -37.81 -3.06 -0.54
CA SER B 281 -38.54 -3.95 0.36
C SER B 281 -38.03 -3.93 1.80
N LEU B 282 -37.08 -3.05 2.10
CA LEU B 282 -36.50 -2.96 3.43
C LEU B 282 -36.84 -1.69 4.21
N GLY B 283 -37.53 -0.75 3.57
CA GLY B 283 -37.89 0.46 4.27
C GLY B 283 -39.07 0.15 5.17
N LYS B 284 -39.15 0.78 6.34
CA LYS B 284 -40.28 0.50 7.22
C LYS B 284 -41.53 1.26 6.78
N THR B 285 -41.33 2.45 6.21
CA THR B 285 -42.44 3.26 5.73
C THR B 285 -42.16 3.65 4.28
N PRO B 286 -43.22 3.89 3.49
CA PRO B 286 -43.04 4.28 2.09
C PRO B 286 -42.20 5.56 1.99
N GLU B 287 -42.10 6.27 3.10
CA GLU B 287 -41.34 7.50 3.16
C GLU B 287 -39.84 7.17 3.15
N GLU B 288 -39.44 6.26 4.05
CA GLU B 288 -38.04 5.85 4.13
C GLU B 288 -37.58 5.30 2.80
N VAL B 289 -38.53 4.77 2.03
CA VAL B 289 -38.22 4.22 0.72
C VAL B 289 -37.91 5.33 -0.29
N THR B 290 -38.80 6.31 -0.39
CA THR B 290 -38.59 7.42 -1.31
C THR B 290 -37.35 8.19 -0.90
N ARG B 291 -37.14 8.35 0.41
CA ARG B 291 -35.96 9.06 0.88
C ARG B 291 -34.71 8.40 0.34
N THR B 292 -34.67 7.07 0.47
CA THR B 292 -33.53 6.30 0.00
C THR B 292 -33.35 6.44 -1.51
N VAL B 293 -34.44 6.25 -2.26
CA VAL B 293 -34.37 6.36 -3.70
C VAL B 293 -33.95 7.76 -4.17
N ASN B 294 -34.59 8.79 -3.61
CA ASN B 294 -34.28 10.17 -3.98
C ASN B 294 -32.82 10.54 -3.71
N THR B 295 -32.28 10.08 -2.58
CA THR B 295 -30.90 10.36 -2.25
C THR B 295 -29.99 9.67 -3.26
N ALA B 296 -30.39 8.46 -3.66
CA ALA B 296 -29.63 7.70 -4.63
C ALA B 296 -29.64 8.44 -5.97
N VAL B 297 -30.84 8.84 -6.40
CA VAL B 297 -30.98 9.57 -7.65
C VAL B 297 -30.23 10.91 -7.61
N ALA B 298 -30.30 11.59 -6.47
CA ALA B 298 -29.61 12.87 -6.31
C ALA B 298 -28.10 12.70 -6.42
N ILE B 299 -27.57 11.60 -5.91
CA ILE B 299 -26.14 11.33 -5.96
C ILE B 299 -25.70 10.99 -7.38
N THR B 300 -26.51 10.21 -8.08
CA THR B 300 -26.18 9.85 -9.45
C THR B 300 -26.13 11.08 -10.35
N LEU B 301 -27.07 12.00 -10.16
CA LEU B 301 -27.13 13.21 -10.97
C LEU B 301 -25.87 14.08 -10.78
N ALA B 302 -25.40 14.19 -9.54
CA ALA B 302 -24.19 14.97 -9.26
C ALA B 302 -23.04 14.39 -10.05
N CYS B 303 -23.00 13.06 -10.17
CA CYS B 303 -21.93 12.40 -10.91
C CYS B 303 -21.89 12.85 -12.36
N PHE B 304 -22.99 13.42 -12.83
CA PHE B 304 -23.06 13.87 -14.21
C PHE B 304 -23.32 15.36 -14.43
N GLY B 305 -22.77 16.20 -13.54
CA GLY B 305 -22.93 17.64 -13.73
C GLY B 305 -23.85 18.45 -12.83
N LEU B 306 -24.84 17.81 -12.23
CA LEU B 306 -25.75 18.54 -11.36
C LEU B 306 -24.96 19.16 -10.22
N ALA B 307 -24.77 20.48 -10.27
CA ALA B 307 -24.02 21.21 -9.25
C ALA B 307 -24.94 22.03 -8.36
N ARG B 308 -24.67 22.01 -7.05
CA ARG B 308 -25.50 22.76 -6.09
C ARG B 308 -25.46 24.26 -6.27
N GLU B 309 -24.37 24.78 -6.85
CA GLU B 309 -24.26 26.22 -7.09
C GLU B 309 -25.13 26.60 -8.29
N GLY B 310 -25.61 25.58 -8.99
CA GLY B 310 -26.44 25.82 -10.16
C GLY B 310 -25.78 25.36 -11.44
N ASN B 311 -26.59 25.29 -12.50
CA ASN B 311 -26.13 24.89 -13.83
C ASN B 311 -26.79 25.77 -14.88
N HIS B 312 -26.07 26.08 -15.95
CA HIS B 312 -26.64 26.89 -17.02
C HIS B 312 -25.99 26.49 -18.35
N LYS B 313 -26.75 26.58 -19.43
CA LYS B 313 -26.25 26.23 -20.76
C LYS B 313 -25.57 27.41 -21.43
N PRO B 314 -24.72 27.14 -22.43
CA PRO B 314 -23.99 28.17 -23.18
C PRO B 314 -24.78 29.29 -23.86
N ILE B 315 -26.11 29.25 -23.78
CA ILE B 315 -26.90 30.31 -24.40
C ILE B 315 -26.88 31.56 -23.51
N ASP B 316 -27.66 32.58 -23.87
CA ASP B 316 -27.70 33.80 -23.07
C ASP B 316 -29.03 33.96 -22.34
N TYR B 317 -28.94 34.31 -21.06
CA TYR B 317 -30.11 34.49 -20.22
C TYR B 317 -30.48 35.96 -20.07
N LEU B 318 -29.56 36.85 -20.41
CA LEU B 318 -29.78 38.29 -20.31
C LEU B 318 -29.79 38.93 -21.71
#